data_9GQD
#
_entry.id   9GQD
#
_cell.length_a   48.559
_cell.length_b   48.559
_cell.length_c   194.531
_cell.angle_alpha   90
_cell.angle_beta   90
_cell.angle_gamma   120
#
_symmetry.space_group_name_H-M   'P 32 2 1'
#
loop_
_entity.id
_entity.type
_entity.pdbx_description
1 polymer 'Peptidyl-prolyl cis-trans isomerase FKBP5'
2 non-polymer (2~{S},9~{S},14~{E})-2-cyclohexyl-23,24-dimethoxy-11,17,21-trioxa-4-azatricyclo[20.3.1.0^{4,9}]hexacosa-1(26),14,22,24-tetraene-3,10-dione
3 water water
#
_entity_poly.entity_id   1
_entity_poly.type   'polypeptide(L)'
_entity_poly.pdbx_seq_one_letter_code
;GAPATVTEQGEDITSKKDRGVLKIVKRVGNGEETPMIGDKVYVHYKGKLSNGKKFDSSHDRNEPFVFSLGKGQVIKAWDI
GVATMKKGEIAHLLIKPEYAYGSAGSLPKIPSNATLFFEIELLDFKGE
;
_entity_poly.pdbx_strand_id   B,A
#
loop_
_chem_comp.id
_chem_comp.type
_chem_comp.name
_chem_comp.formula
A1IOA non-polymer (2~{S},9~{S},14~{E})-2-cyclohexyl-23,24-dimethoxy-11,17,21-trioxa-4-azatricyclo[20.3.1.0^{4,9}]hexacosa-1(26),14,22,24-tetraene-3,10-dione 'C30 H43 N O7'
#
# COMPACT_ATOMS: atom_id res chain seq x y z
N GLY A 1 -19.08 0.08 18.47
CA GLY A 1 -17.83 0.87 18.57
C GLY A 1 -17.83 2.11 17.68
N ALA A 2 -16.81 2.92 17.89
CA ALA A 2 -16.58 4.11 17.10
C ALA A 2 -16.62 3.82 15.59
N PRO A 3 -16.04 2.71 15.08
CA PRO A 3 -16.03 2.49 13.63
C PRO A 3 -17.44 2.37 13.02
N ALA A 4 -18.31 1.61 13.68
CA ALA A 4 -19.73 1.54 13.33
C ALA A 4 -20.40 2.93 13.40
N THR A 5 -20.19 3.70 14.48
CA THR A 5 -20.76 5.03 14.57
C THR A 5 -20.42 5.84 13.31
N VAL A 6 -19.17 5.74 12.82
CA VAL A 6 -18.74 6.51 11.65
C VAL A 6 -19.39 6.04 10.35
N THR A 7 -19.55 4.73 10.15
CA THR A 7 -20.40 4.13 9.13
C THR A 7 -21.84 4.69 9.19
N GLU A 8 -22.48 4.66 10.34
CA GLU A 8 -23.84 5.13 10.50
C GLU A 8 -23.97 6.61 10.13
N GLN A 9 -23.13 7.46 10.72
CA GLN A 9 -23.44 8.87 10.89
C GLN A 9 -22.36 9.79 10.37
N GLY A 10 -21.31 9.18 9.79
CA GLY A 10 -20.20 9.92 9.21
C GLY A 10 -20.53 10.62 7.88
N GLU A 11 -19.90 11.78 7.69
CA GLU A 11 -19.99 12.54 6.45
C GLU A 11 -18.99 12.00 5.42
N ASP A 12 -19.45 11.85 4.18
CA ASP A 12 -18.63 11.41 3.06
C ASP A 12 -17.91 12.64 2.54
N ILE A 13 -16.59 12.68 2.77
CA ILE A 13 -15.78 13.86 2.42
C ILE A 13 -14.94 13.63 1.16
N THR A 14 -15.26 12.58 0.36
CA THR A 14 -14.63 12.31 -0.91
C THR A 14 -15.29 13.14 -2.00
N SER A 15 -14.52 13.43 -3.05
CA SER A 15 -14.94 14.19 -4.21
C SER A 15 -15.91 13.35 -5.02
N LYS A 16 -15.55 12.07 -5.10
CA LYS A 16 -16.21 11.11 -5.96
C LYS A 16 -17.49 10.63 -5.30
N LYS A 17 -17.62 10.95 -4.01
CA LYS A 17 -18.79 10.58 -3.22
C LYS A 17 -18.93 9.06 -3.17
N ASP A 18 -17.81 8.36 -2.89
CA ASP A 18 -17.77 6.90 -2.87
C ASP A 18 -17.72 6.37 -1.43
N ARG A 19 -17.99 7.22 -0.44
CA ARG A 19 -17.97 6.84 0.97
C ARG A 19 -16.64 6.20 1.37
N GLY A 20 -15.54 6.60 0.70
CA GLY A 20 -14.23 5.99 0.91
C GLY A 20 -13.48 6.62 2.09
N VAL A 21 -14.01 7.75 2.58
CA VAL A 21 -13.47 8.46 3.72
C VAL A 21 -14.65 9.11 4.40
N LEU A 22 -14.91 8.70 5.65
CA LEU A 22 -16.05 9.17 6.41
C LEU A 22 -15.58 9.81 7.71
N LYS A 23 -16.28 10.87 8.10
CA LYS A 23 -15.79 11.75 9.14
C LYS A 23 -16.94 12.15 10.06
N ILE A 24 -16.64 12.08 11.37
CA ILE A 24 -17.38 12.76 12.38
C ILE A 24 -16.42 13.67 13.11
N VAL A 25 -16.89 14.89 13.38
CA VAL A 25 -16.16 15.79 14.23
C VAL A 25 -16.54 15.41 15.64
N LYS A 26 -15.54 15.23 16.52
CA LYS A 26 -15.79 14.81 17.90
C LYS A 26 -15.51 15.95 18.89
N ARG A 27 -14.59 16.84 18.52
CA ARG A 27 -14.34 18.07 19.25
C ARG A 27 -13.97 19.14 18.24
N VAL A 28 -14.64 20.28 18.37
CA VAL A 28 -14.50 21.37 17.41
C VAL A 28 -13.20 22.14 17.65
N GLY A 29 -12.52 22.51 16.55
CA GLY A 29 -11.34 23.35 16.63
C GLY A 29 -11.69 24.83 16.63
N ASN A 30 -10.70 25.65 16.23
CA ASN A 30 -10.81 27.10 16.21
C ASN A 30 -10.39 27.68 14.86
N GLY A 31 -10.84 28.90 14.61
CA GLY A 31 -10.56 29.56 13.36
C GLY A 31 -11.55 29.11 12.30
N GLU A 32 -11.52 29.81 11.15
CA GLU A 32 -11.99 29.26 9.90
C GLU A 32 -10.84 28.50 9.21
N GLU A 33 -9.58 28.86 9.51
CA GLU A 33 -8.42 28.40 8.74
C GLU A 33 -8.24 26.91 8.87
N THR A 34 -8.09 26.24 7.72
CA THR A 34 -7.70 24.83 7.68
C THR A 34 -6.48 24.73 6.79
N PRO A 35 -5.70 23.63 6.87
CA PRO A 35 -4.44 23.56 6.16
C PRO A 35 -4.59 23.41 4.65
N MET A 36 -3.70 24.09 3.95
CA MET A 36 -3.54 23.99 2.52
C MET A 36 -2.53 22.89 2.27
N ILE A 37 -2.56 22.37 1.04
CA ILE A 37 -1.52 21.48 0.55
C ILE A 37 -0.14 22.10 0.79
N GLY A 38 0.80 21.29 1.29
CA GLY A 38 2.16 21.74 1.51
C GLY A 38 2.39 22.28 2.93
N ASP A 39 1.31 22.57 3.65
CA ASP A 39 1.39 22.96 5.05
C ASP A 39 2.13 21.87 5.83
N LYS A 40 2.90 22.29 6.86
CA LYS A 40 3.47 21.38 7.85
C LYS A 40 2.38 21.21 8.90
N VAL A 41 2.09 19.93 9.21
CA VAL A 41 0.96 19.52 10.06
C VAL A 41 1.39 18.68 11.27
N TYR A 42 0.75 18.97 12.43
CA TYR A 42 1.06 18.37 13.71
C TYR A 42 -0.18 17.75 14.33
N VAL A 43 -0.12 16.46 14.61
CA VAL A 43 -1.29 15.74 15.12
C VAL A 43 -0.87 14.78 16.22
N HIS A 44 -1.84 14.49 17.09
CA HIS A 44 -1.88 13.22 17.78
C HIS A 44 -2.97 12.41 17.10
N TYR A 45 -2.79 11.10 17.08
CA TYR A 45 -3.79 10.20 16.53
C TYR A 45 -3.77 8.88 17.30
N LYS A 46 -4.85 8.13 17.10
CA LYS A 46 -4.77 6.70 17.34
C LYS A 46 -5.53 5.97 16.25
N GLY A 47 -4.94 4.85 15.84
CA GLY A 47 -5.36 4.12 14.66
C GLY A 47 -5.54 2.64 14.97
N LYS A 48 -6.40 2.00 14.19
CA LYS A 48 -6.49 0.55 14.17
C LYS A 48 -7.08 0.14 12.83
N LEU A 49 -6.89 -1.15 12.52
CA LEU A 49 -7.72 -1.89 11.57
C LEU A 49 -9.14 -1.83 12.13
N SER A 50 -10.14 -1.88 11.26
CA SER A 50 -11.50 -1.90 11.72
C SER A 50 -11.84 -3.26 12.34
N ASN A 51 -11.15 -4.33 11.90
CA ASN A 51 -11.06 -5.65 12.54
C ASN A 51 -10.66 -5.51 14.03
N GLY A 52 -9.92 -4.44 14.40
CA GLY A 52 -9.39 -4.22 15.73
C GLY A 52 -8.07 -4.93 16.02
N LYS A 53 -7.41 -5.54 15.00
CA LYS A 53 -6.45 -6.60 15.25
C LYS A 53 -5.01 -6.07 15.35
N LYS A 54 -4.71 -4.91 14.73
CA LYS A 54 -3.46 -4.19 14.99
C LYS A 54 -3.86 -2.76 15.38
N PHE A 55 -3.03 -2.07 16.15
CA PHE A 55 -3.32 -0.77 16.74
C PHE A 55 -2.10 0.13 16.71
N ASP A 56 -2.30 1.45 16.71
CA ASP A 56 -1.17 2.36 16.62
C ASP A 56 -1.50 3.77 17.12
N SER A 57 -0.53 4.36 17.83
CA SER A 57 -0.68 5.68 18.43
C SER A 57 0.59 6.52 18.29
N SER A 58 0.40 7.83 18.13
CA SER A 58 1.47 8.80 18.26
C SER A 58 1.99 8.75 19.69
N HIS A 59 1.07 8.63 20.65
CA HIS A 59 1.42 8.61 22.07
C HIS A 59 2.54 7.59 22.33
N ASP A 60 2.38 6.37 21.85
CA ASP A 60 3.43 5.35 21.85
C ASP A 60 4.85 5.88 21.62
N ARG A 61 5.03 6.92 20.80
CA ARG A 61 6.36 7.38 20.47
C ARG A 61 6.74 8.66 21.25
N ASN A 62 5.94 9.03 22.28
CA ASN A 62 6.13 10.21 23.14
C ASN A 62 5.41 11.45 22.57
N GLU A 63 5.70 11.77 21.29
CA GLU A 63 5.66 13.11 20.74
C GLU A 63 4.70 13.18 19.55
N PRO A 64 4.37 14.40 19.03
CA PRO A 64 3.40 14.51 17.94
C PRO A 64 3.89 13.90 16.64
N PHE A 65 2.94 13.60 15.76
CA PHE A 65 3.26 13.08 14.46
C PHE A 65 3.18 14.24 13.47
N VAL A 66 4.23 14.31 12.64
CA VAL A 66 4.46 15.48 11.83
C VAL A 66 4.69 15.08 10.39
N PHE A 67 3.94 15.72 9.46
CA PHE A 67 3.96 15.41 8.04
C PHE A 67 3.53 16.62 7.21
N SER A 68 3.93 16.60 5.93
CA SER A 68 3.59 17.64 4.95
C SER A 68 2.29 17.27 4.26
N LEU A 69 1.29 18.15 4.31
CA LEU A 69 -0.03 17.77 3.82
C LEU A 69 0.02 17.74 2.30
N GLY A 70 -0.67 16.73 1.76
CA GLY A 70 -0.85 16.52 0.35
C GLY A 70 0.45 16.22 -0.38
N LYS A 71 1.40 15.56 0.26
CA LYS A 71 2.66 15.31 -0.39
C LYS A 71 2.82 13.80 -0.44
N GLY A 72 1.66 13.11 -0.29
CA GLY A 72 1.60 11.70 0.06
C GLY A 72 2.81 11.23 0.88
N GLN A 73 3.00 11.82 2.06
CA GLN A 73 3.81 11.16 3.09
C GLN A 73 2.84 10.31 3.92
N VAL A 74 1.53 10.49 3.72
CA VAL A 74 0.54 9.65 4.33
C VAL A 74 -0.35 9.02 3.26
N ILE A 75 -1.28 8.16 3.70
CA ILE A 75 -2.34 7.63 2.87
C ILE A 75 -3.24 8.78 2.48
N LYS A 76 -3.83 8.62 1.28
CA LYS A 76 -4.60 9.61 0.57
C LYS A 76 -5.74 10.12 1.47
N ALA A 77 -6.25 9.25 2.35
CA ALA A 77 -7.37 9.60 3.18
C ALA A 77 -6.96 10.62 4.22
N TRP A 78 -5.69 10.58 4.58
CA TRP A 78 -5.26 11.51 5.59
C TRP A 78 -5.07 12.88 4.96
N ASP A 79 -4.48 12.88 3.76
CA ASP A 79 -4.35 14.10 2.98
C ASP A 79 -5.72 14.68 2.82
N ILE A 80 -6.71 13.86 2.56
CA ILE A 80 -8.05 14.39 2.34
C ILE A 80 -8.61 14.86 3.70
N GLY A 81 -8.50 14.04 4.74
CA GLY A 81 -9.31 14.27 5.92
C GLY A 81 -8.74 15.39 6.77
N VAL A 82 -7.43 15.30 6.93
CA VAL A 82 -6.74 16.30 7.71
C VAL A 82 -7.01 17.68 7.12
N ALA A 83 -6.93 17.78 5.79
CA ALA A 83 -7.20 19.05 5.17
C ALA A 83 -8.58 19.62 5.52
N THR A 84 -9.57 18.86 6.04
CA THR A 84 -10.87 19.43 6.40
C THR A 84 -10.93 19.90 7.86
N MET A 85 -9.87 19.72 8.66
CA MET A 85 -9.91 19.96 10.10
C MET A 85 -9.42 21.37 10.51
N LYS A 86 -9.75 21.81 11.74
CA LYS A 86 -9.28 23.04 12.34
C LYS A 86 -8.32 22.75 13.48
N LYS A 87 -7.40 23.69 13.71
CA LYS A 87 -6.51 23.66 14.85
C LYS A 87 -7.39 23.46 16.06
N GLY A 88 -7.16 22.32 16.72
CA GLY A 88 -7.81 21.99 17.97
C GLY A 88 -8.89 20.93 17.78
N GLU A 89 -9.24 20.66 16.53
CA GLU A 89 -10.28 19.69 16.25
C GLU A 89 -9.74 18.26 16.47
N ILE A 90 -10.66 17.46 16.97
CA ILE A 90 -10.52 16.03 16.96
C ILE A 90 -11.65 15.47 16.13
N ALA A 91 -11.29 14.54 15.28
CA ALA A 91 -12.23 13.90 14.41
C ALA A 91 -11.93 12.41 14.30
N HIS A 92 -12.95 11.67 13.84
CA HIS A 92 -12.90 10.24 13.58
C HIS A 92 -13.01 10.03 12.07
N LEU A 93 -12.16 9.11 11.54
CA LEU A 93 -12.19 8.76 10.14
C LEU A 93 -12.36 7.26 9.97
N LEU A 94 -13.21 6.87 9.04
CA LEU A 94 -13.30 5.49 8.59
C LEU A 94 -12.95 5.48 7.11
N ILE A 95 -12.03 4.58 6.72
CA ILE A 95 -11.39 4.69 5.41
C ILE A 95 -11.50 3.39 4.63
N LYS A 96 -11.89 3.43 3.35
CA LYS A 96 -11.91 2.22 2.56
C LYS A 96 -10.55 1.93 1.96
N PRO A 97 -10.25 0.67 1.55
CA PRO A 97 -8.89 0.30 1.15
C PRO A 97 -8.29 1.21 0.08
N GLU A 98 -9.17 1.75 -0.76
CA GLU A 98 -8.79 2.59 -1.88
C GLU A 98 -8.20 3.93 -1.46
N TYR A 99 -8.49 4.41 -0.23
CA TYR A 99 -7.91 5.65 0.23
C TYR A 99 -6.88 5.34 1.32
N ALA A 100 -6.53 4.06 1.41
CA ALA A 100 -5.55 3.62 2.37
C ALA A 100 -4.50 2.79 1.63
N TYR A 101 -4.47 1.44 1.78
CA TYR A 101 -3.34 0.65 1.28
C TYR A 101 -3.75 -0.30 0.15
N GLY A 102 -5.03 -0.25 -0.25
CA GLY A 102 -5.48 -0.86 -1.49
C GLY A 102 -5.47 -2.37 -1.41
N SER A 103 -5.60 -3.01 -2.55
CA SER A 103 -5.58 -4.46 -2.57
C SER A 103 -4.17 -5.03 -2.31
N ALA A 104 -3.07 -4.27 -2.41
CA ALA A 104 -1.74 -4.83 -2.14
C ALA A 104 -1.49 -4.87 -0.64
N GLY A 105 -2.26 -4.05 0.09
CA GLY A 105 -2.09 -3.89 1.51
C GLY A 105 -0.69 -3.34 1.80
N SER A 106 -0.21 -3.63 3.03
CA SER A 106 1.14 -3.27 3.41
C SER A 106 1.55 -4.20 4.53
N LEU A 107 1.86 -5.46 4.17
CA LEU A 107 2.19 -6.47 5.13
C LEU A 107 3.51 -6.14 5.80
N PRO A 108 3.74 -6.64 7.02
CA PRO A 108 2.70 -7.38 7.74
C PRO A 108 1.71 -6.53 8.52
N LYS A 109 1.87 -5.24 8.52
CA LYS A 109 1.07 -4.44 9.44
C LYS A 109 -0.34 -4.34 8.86
N ILE A 110 -0.42 -4.14 7.54
CA ILE A 110 -1.71 -3.94 6.88
C ILE A 110 -1.96 -5.04 5.86
N PRO A 111 -3.12 -5.72 5.99
CA PRO A 111 -3.54 -6.70 5.00
C PRO A 111 -4.28 -6.11 3.81
N SER A 112 -4.29 -6.93 2.78
CA SER A 112 -4.97 -6.58 1.58
C SER A 112 -6.39 -6.12 1.93
N ASN A 113 -6.79 -4.99 1.38
CA ASN A 113 -8.22 -4.66 1.33
C ASN A 113 -8.77 -4.27 2.69
N ALA A 114 -7.93 -3.64 3.52
CA ALA A 114 -8.22 -3.39 4.91
C ALA A 114 -8.96 -2.07 5.02
N THR A 115 -10.02 -2.06 5.81
CA THR A 115 -10.56 -0.81 6.32
C THR A 115 -9.81 -0.41 7.60
N LEU A 116 -9.57 0.92 7.72
CA LEU A 116 -8.87 1.56 8.82
C LEU A 116 -9.78 2.57 9.55
N PHE A 117 -9.64 2.59 10.89
CA PHE A 117 -10.22 3.62 11.72
C PHE A 117 -9.11 4.45 12.36
N PHE A 118 -9.29 5.76 12.41
CA PHE A 118 -8.37 6.65 13.11
C PHE A 118 -9.11 7.67 13.95
N GLU A 119 -8.59 7.95 15.14
CA GLU A 119 -8.92 9.20 15.81
C GLU A 119 -7.75 10.18 15.66
N ILE A 120 -8.08 11.40 15.17
CA ILE A 120 -7.07 12.41 14.93
C ILE A 120 -7.37 13.73 15.64
N GLU A 121 -6.35 14.22 16.38
CA GLU A 121 -6.28 15.60 16.86
C GLU A 121 -5.32 16.45 16.03
N LEU A 122 -5.81 17.58 15.55
CA LEU A 122 -4.97 18.55 14.89
C LEU A 122 -4.47 19.57 15.90
N LEU A 123 -3.17 19.53 16.17
CA LEU A 123 -2.51 20.42 17.11
C LEU A 123 -2.16 21.76 16.46
N ASP A 124 -1.62 21.71 15.23
CA ASP A 124 -1.14 22.95 14.63
C ASP A 124 -0.82 22.71 13.17
N PHE A 125 -0.65 23.81 12.39
CA PHE A 125 -0.09 23.72 11.04
C PHE A 125 0.59 25.04 10.67
N LYS A 126 1.79 24.93 10.05
CA LYS A 126 2.63 26.06 9.67
C LYS A 126 2.80 26.04 8.15
N GLY A 127 3.02 27.21 7.52
CA GLY A 127 3.24 27.22 6.09
C GLY A 127 4.67 26.85 5.74
N GLU A 128 4.86 25.97 4.73
CA GLU A 128 6.17 25.69 4.16
C GLU A 128 7.02 26.98 4.23
N GLY B 1 7.02 -28.14 -13.45
CA GLY B 1 6.49 -26.75 -13.48
C GLY B 1 7.59 -25.72 -13.28
N ALA B 2 7.34 -24.51 -13.81
CA ALA B 2 8.21 -23.39 -13.50
C ALA B 2 8.26 -23.18 -11.99
N PRO B 3 7.12 -23.28 -11.26
CA PRO B 3 7.16 -23.03 -9.83
C PRO B 3 8.19 -23.91 -9.15
N ALA B 4 8.20 -25.20 -9.45
CA ALA B 4 9.14 -26.12 -8.82
C ALA B 4 10.57 -25.80 -9.22
N THR B 5 10.78 -25.41 -10.48
CA THR B 5 12.14 -25.16 -10.92
C THR B 5 12.69 -23.99 -10.07
N VAL B 6 11.85 -22.98 -9.82
CA VAL B 6 12.24 -21.82 -9.02
C VAL B 6 12.59 -22.26 -7.60
N THR B 7 11.69 -23.01 -6.96
CA THR B 7 12.01 -23.69 -5.73
C THR B 7 13.39 -24.34 -5.86
N GLU B 8 13.60 -25.22 -6.85
CA GLU B 8 14.85 -25.99 -6.97
C GLU B 8 16.08 -25.08 -7.05
N GLN B 9 16.14 -24.14 -8.00
CA GLN B 9 17.39 -23.51 -8.42
C GLN B 9 17.28 -21.97 -8.33
N GLY B 10 16.24 -21.45 -7.66
CA GLY B 10 16.00 -20.02 -7.62
C GLY B 10 16.81 -19.34 -6.51
N GLU B 11 17.24 -18.12 -6.80
CA GLU B 11 18.03 -17.31 -5.89
C GLU B 11 17.16 -16.53 -4.89
N ASP B 12 17.56 -16.58 -3.62
CA ASP B 12 16.90 -15.94 -2.51
C ASP B 12 17.31 -14.47 -2.49
N ILE B 13 16.33 -13.59 -2.71
CA ILE B 13 16.68 -12.20 -2.94
C ILE B 13 16.13 -11.36 -1.80
N THR B 14 15.68 -12.03 -0.73
CA THR B 14 15.26 -11.34 0.47
C THR B 14 16.50 -10.94 1.28
N SER B 15 16.31 -9.87 2.05
CA SER B 15 17.29 -9.38 3.00
C SER B 15 17.48 -10.35 4.15
N LYS B 16 16.35 -10.88 4.64
CA LYS B 16 16.32 -11.75 5.81
C LYS B 16 16.74 -13.18 5.46
N LYS B 17 16.98 -13.46 4.18
CA LYS B 17 17.34 -14.79 3.72
C LYS B 17 16.34 -15.85 4.24
N ASP B 18 15.08 -15.65 3.94
CA ASP B 18 14.04 -16.50 4.46
C ASP B 18 13.31 -17.22 3.33
N ARG B 19 13.95 -17.25 2.14
CA ARG B 19 13.44 -17.92 0.94
C ARG B 19 12.02 -17.47 0.56
N GLY B 20 11.63 -16.26 0.91
CA GLY B 20 10.25 -15.82 0.69
C GLY B 20 10.04 -15.18 -0.67
N VAL B 21 11.13 -14.90 -1.39
CA VAL B 21 11.07 -14.43 -2.76
C VAL B 21 12.29 -15.01 -3.47
N LEU B 22 12.02 -15.95 -4.39
CA LEU B 22 13.03 -16.64 -5.14
C LEU B 22 12.93 -16.19 -6.59
N LYS B 23 14.09 -16.11 -7.27
CA LYS B 23 14.12 -15.59 -8.62
C LYS B 23 15.06 -16.39 -9.48
N ILE B 24 14.61 -16.65 -10.72
CA ILE B 24 15.46 -17.08 -11.80
C ILE B 24 15.21 -16.11 -12.93
N VAL B 25 16.32 -15.63 -13.47
CA VAL B 25 16.33 -14.85 -14.68
C VAL B 25 16.07 -15.82 -15.82
N LYS B 26 15.03 -15.53 -16.61
CA LYS B 26 14.79 -16.36 -17.78
C LYS B 26 15.32 -15.64 -19.02
N ARG B 27 15.28 -14.30 -19.02
CA ARG B 27 15.88 -13.54 -20.10
C ARG B 27 16.57 -12.29 -19.53
N VAL B 28 17.84 -12.16 -19.88
CA VAL B 28 18.68 -11.04 -19.51
C VAL B 28 18.22 -9.75 -20.20
N GLY B 29 18.29 -8.65 -19.45
CA GLY B 29 17.95 -7.33 -19.98
C GLY B 29 19.18 -6.60 -20.49
N ASN B 30 19.13 -5.27 -20.45
CA ASN B 30 20.27 -4.46 -20.84
C ASN B 30 20.62 -3.40 -19.79
N GLY B 31 21.86 -2.92 -19.91
CA GLY B 31 22.40 -1.94 -18.99
C GLY B 31 22.86 -2.61 -17.71
N GLU B 32 23.49 -1.81 -16.85
CA GLU B 32 23.61 -2.18 -15.44
C GLU B 32 22.33 -1.71 -14.75
N GLU B 33 21.71 -0.64 -15.28
CA GLU B 33 20.72 0.14 -14.55
C GLU B 33 19.59 -0.78 -14.15
N THR B 34 19.15 -0.64 -12.89
CA THR B 34 17.91 -1.19 -12.40
C THR B 34 17.19 -0.08 -11.67
N PRO B 35 15.86 -0.19 -11.50
CA PRO B 35 15.04 0.92 -11.03
C PRO B 35 15.23 1.22 -9.55
N MET B 36 15.13 2.49 -9.22
CA MET B 36 15.22 2.98 -7.85
C MET B 36 13.83 3.17 -7.30
N ILE B 37 13.72 3.14 -5.99
CA ILE B 37 12.45 3.45 -5.36
C ILE B 37 11.87 4.73 -5.98
N GLY B 38 10.56 4.75 -6.22
CA GLY B 38 9.88 5.91 -6.75
C GLY B 38 9.94 5.97 -8.28
N ASP B 39 10.76 5.12 -8.92
CA ASP B 39 10.82 5.06 -10.37
C ASP B 39 9.48 4.52 -10.87
N LYS B 40 8.99 5.08 -11.98
CA LYS B 40 7.82 4.58 -12.68
C LYS B 40 8.25 3.40 -13.55
N VAL B 41 7.55 2.28 -13.38
CA VAL B 41 7.95 1.02 -13.98
C VAL B 41 6.86 0.48 -14.93
N TYR B 42 7.31 -0.13 -16.04
CA TYR B 42 6.41 -0.73 -17.03
C TYR B 42 6.71 -2.20 -17.18
N VAL B 43 5.69 -3.05 -16.95
CA VAL B 43 5.89 -4.50 -17.07
C VAL B 43 4.75 -5.17 -17.84
N HIS B 44 5.08 -6.34 -18.41
CA HIS B 44 4.09 -7.38 -18.68
C HIS B 44 4.38 -8.49 -17.69
N TYR B 45 3.32 -9.22 -17.32
CA TYR B 45 3.45 -10.32 -16.37
C TYR B 45 2.37 -11.36 -16.59
N LYS B 46 2.58 -12.52 -15.97
CA LYS B 46 1.54 -13.52 -15.82
C LYS B 46 1.71 -14.07 -14.42
N GLY B 47 0.58 -14.34 -13.77
CA GLY B 47 0.53 -14.65 -12.37
C GLY B 47 -0.45 -15.80 -12.12
N LYS B 48 -0.11 -16.64 -11.16
CA LYS B 48 -0.98 -17.68 -10.68
C LYS B 48 -0.64 -17.95 -9.22
N LEU B 49 -1.65 -18.47 -8.50
CA LEU B 49 -1.47 -19.28 -7.31
C LEU B 49 -0.66 -20.51 -7.71
N SER B 50 0.22 -20.96 -6.82
CA SER B 50 1.08 -22.08 -7.14
C SER B 50 0.22 -23.34 -7.26
N ASN B 51 -0.94 -23.33 -6.55
CA ASN B 51 -2.05 -24.27 -6.75
C ASN B 51 -2.50 -24.29 -8.23
N GLY B 52 -2.41 -23.15 -8.91
CA GLY B 52 -2.73 -23.03 -10.32
C GLY B 52 -4.19 -22.64 -10.53
N LYS B 53 -4.89 -22.29 -9.44
CA LYS B 53 -6.34 -22.35 -9.42
C LYS B 53 -6.94 -20.96 -9.78
N LYS B 54 -6.16 -19.88 -9.71
CA LYS B 54 -6.51 -18.61 -10.36
C LYS B 54 -5.28 -18.13 -11.14
N PHE B 55 -5.51 -17.40 -12.24
CA PHE B 55 -4.50 -16.88 -13.15
C PHE B 55 -4.78 -15.43 -13.50
N ASP B 56 -3.75 -14.70 -13.92
CA ASP B 56 -3.90 -13.31 -14.28
C ASP B 56 -2.75 -12.87 -15.16
N SER B 57 -3.02 -11.88 -16.01
CA SER B 57 -2.12 -11.43 -17.04
C SER B 57 -2.39 -9.97 -17.42
N SER B 58 -1.31 -9.21 -17.56
CA SER B 58 -1.38 -7.91 -18.18
C SER B 58 -1.92 -8.04 -19.59
N HIS B 59 -1.54 -9.10 -20.32
CA HIS B 59 -1.97 -9.29 -21.69
C HIS B 59 -3.49 -9.08 -21.80
N ASP B 60 -4.23 -9.75 -20.92
CA ASP B 60 -5.69 -9.69 -20.83
C ASP B 60 -6.23 -8.27 -20.96
N ARG B 61 -5.52 -7.29 -20.41
CA ARG B 61 -6.03 -5.93 -20.41
C ARG B 61 -5.58 -5.15 -21.66
N ASN B 62 -4.80 -5.78 -22.57
CA ASN B 62 -4.27 -5.17 -23.80
C ASN B 62 -2.81 -4.75 -23.59
N GLU B 63 -2.61 -3.97 -22.53
CA GLU B 63 -1.56 -2.98 -22.41
C GLU B 63 -0.67 -3.32 -21.22
N PRO B 64 0.39 -2.54 -20.96
CA PRO B 64 1.31 -2.82 -19.87
C PRO B 64 0.75 -2.44 -18.51
N PHE B 65 1.33 -3.10 -17.49
CA PHE B 65 1.07 -2.80 -16.10
C PHE B 65 2.13 -1.83 -15.58
N VAL B 66 1.63 -0.78 -14.94
CA VAL B 66 2.45 0.37 -14.59
C VAL B 66 2.21 0.71 -13.13
N PHE B 67 3.31 0.94 -12.41
CA PHE B 67 3.25 1.25 -10.99
C PHE B 67 4.50 1.99 -10.58
N SER B 68 4.40 2.64 -9.41
CA SER B 68 5.55 3.28 -8.80
C SER B 68 6.26 2.30 -7.88
N LEU B 69 7.53 2.03 -8.21
CA LEU B 69 8.30 1.04 -7.49
C LEU B 69 8.52 1.51 -6.05
N GLY B 70 8.33 0.52 -5.18
CA GLY B 70 8.66 0.66 -3.77
C GLY B 70 7.78 1.65 -3.03
N LYS B 71 6.50 1.84 -3.44
CA LYS B 71 5.51 2.67 -2.75
C LYS B 71 4.36 1.77 -2.25
N GLY B 72 4.61 0.45 -2.21
CA GLY B 72 3.64 -0.56 -1.85
C GLY B 72 2.33 -0.45 -2.64
N GLN B 73 2.48 -0.15 -3.94
CA GLN B 73 1.38 -0.21 -4.88
C GLN B 73 1.13 -1.66 -5.28
N VAL B 74 2.15 -2.51 -4.99
CA VAL B 74 2.11 -3.93 -5.23
C VAL B 74 2.52 -4.66 -3.97
N ILE B 75 2.32 -5.96 -3.96
CA ILE B 75 2.88 -6.74 -2.89
C ILE B 75 4.41 -6.56 -2.80
N LYS B 76 4.94 -6.70 -1.57
CA LYS B 76 6.33 -6.44 -1.22
C LYS B 76 7.23 -7.26 -2.13
N ALA B 77 6.79 -8.44 -2.55
CA ALA B 77 7.67 -9.26 -3.35
C ALA B 77 7.92 -8.63 -4.71
N TRP B 78 7.01 -7.78 -5.18
CA TRP B 78 7.26 -7.18 -6.46
C TRP B 78 8.20 -6.01 -6.27
N ASP B 79 7.89 -5.19 -5.27
CA ASP B 79 8.77 -4.10 -4.92
C ASP B 79 10.19 -4.63 -4.78
N ILE B 80 10.37 -5.77 -4.11
CA ILE B 80 11.68 -6.41 -3.99
C ILE B 80 12.19 -6.85 -5.37
N GLY B 81 11.39 -7.62 -6.13
CA GLY B 81 11.93 -8.46 -7.19
C GLY B 81 12.19 -7.64 -8.43
N VAL B 82 11.17 -6.85 -8.73
CA VAL B 82 11.20 -5.94 -9.86
C VAL B 82 12.40 -5.04 -9.71
N ALA B 83 12.66 -4.58 -8.48
CA ALA B 83 13.83 -3.75 -8.26
C ALA B 83 15.15 -4.48 -8.55
N THR B 84 15.19 -5.81 -8.67
CA THR B 84 16.45 -6.42 -9.07
C THR B 84 16.50 -6.63 -10.58
N MET B 85 15.65 -6.04 -11.42
CA MET B 85 15.53 -6.41 -12.83
C MET B 85 16.04 -5.29 -13.73
N LYS B 86 16.45 -5.63 -14.97
CA LYS B 86 16.92 -4.70 -15.99
C LYS B 86 15.91 -4.51 -17.14
N LYS B 87 15.99 -3.34 -17.81
CA LYS B 87 15.19 -3.03 -18.98
C LYS B 87 15.38 -4.19 -19.95
N GLY B 88 14.26 -4.88 -20.26
CA GLY B 88 14.31 -6.01 -21.15
C GLY B 88 14.37 -7.36 -20.44
N GLU B 89 14.64 -7.39 -19.13
CA GLU B 89 14.70 -8.65 -18.41
C GLU B 89 13.31 -9.31 -18.30
N ILE B 90 13.36 -10.66 -18.30
CA ILE B 90 12.26 -11.51 -17.88
C ILE B 90 12.77 -12.49 -16.83
N ALA B 91 11.95 -12.66 -15.80
CA ALA B 91 12.33 -13.42 -14.64
C ALA B 91 11.10 -14.12 -14.07
N HIS B 92 11.37 -15.12 -13.23
CA HIS B 92 10.36 -15.94 -12.62
C HIS B 92 10.48 -15.72 -11.12
N LEU B 93 9.35 -15.47 -10.44
CA LEU B 93 9.35 -15.29 -9.00
C LEU B 93 8.36 -16.28 -8.39
N LEU B 94 8.82 -16.86 -7.29
CA LEU B 94 8.04 -17.66 -6.38
C LEU B 94 8.13 -17.00 -4.99
N ILE B 95 6.94 -16.83 -4.41
CA ILE B 95 6.71 -15.92 -3.32
C ILE B 95 5.95 -16.66 -2.23
N LYS B 96 6.47 -16.60 -1.01
CA LYS B 96 5.69 -17.08 0.12
C LYS B 96 4.67 -16.04 0.55
N PRO B 97 3.64 -16.48 1.31
CA PRO B 97 2.52 -15.62 1.67
C PRO B 97 2.92 -14.31 2.32
N GLU B 98 4.01 -14.35 3.09
CA GLU B 98 4.47 -13.22 3.88
C GLU B 98 4.95 -12.04 3.04
N TYR B 99 5.42 -12.30 1.79
CA TYR B 99 5.78 -11.25 0.85
C TYR B 99 4.69 -11.09 -0.20
N ALA B 100 3.56 -11.76 -0.01
CA ALA B 100 2.39 -11.57 -0.86
C ALA B 100 1.19 -11.10 -0.02
N TYR B 101 0.19 -11.96 0.24
CA TYR B 101 -1.04 -11.55 0.89
C TYR B 101 -1.25 -12.12 2.30
N GLY B 102 -0.29 -12.91 2.82
CA GLY B 102 -0.26 -13.25 4.24
C GLY B 102 -1.32 -14.27 4.64
N SER B 103 -1.54 -14.35 5.95
CA SER B 103 -2.58 -15.22 6.48
C SER B 103 -3.97 -14.63 6.27
N ALA B 104 -4.09 -13.31 6.05
CA ALA B 104 -5.42 -12.78 5.79
C ALA B 104 -5.82 -13.20 4.39
N GLY B 105 -4.83 -13.37 3.49
CA GLY B 105 -5.15 -13.53 2.09
C GLY B 105 -5.85 -12.28 1.54
N SER B 106 -6.61 -12.45 0.43
CA SER B 106 -7.41 -11.40 -0.22
C SER B 106 -8.55 -12.08 -0.92
N LEU B 107 -9.51 -12.53 -0.15
CA LEU B 107 -10.62 -13.27 -0.72
C LEU B 107 -11.67 -12.35 -1.33
N PRO B 108 -12.44 -12.86 -2.33
CA PRO B 108 -12.31 -14.26 -2.73
C PRO B 108 -11.15 -14.57 -3.71
N LYS B 109 -10.38 -13.60 -4.21
CA LYS B 109 -9.38 -13.82 -5.27
C LYS B 109 -8.27 -14.70 -4.67
N ILE B 110 -7.65 -14.26 -3.58
CA ILE B 110 -6.50 -14.94 -3.01
C ILE B 110 -6.88 -15.59 -1.68
N PRO B 111 -6.61 -16.91 -1.52
CA PRO B 111 -6.75 -17.57 -0.24
C PRO B 111 -5.68 -17.19 0.76
N SER B 112 -6.02 -17.50 2.00
CA SER B 112 -5.12 -17.33 3.11
C SER B 112 -3.85 -18.16 2.85
N ASN B 113 -2.66 -17.59 3.14
CA ASN B 113 -1.41 -18.33 3.10
C ASN B 113 -1.20 -19.00 1.73
N ALA B 114 -1.59 -18.28 0.66
CA ALA B 114 -1.29 -18.67 -0.70
C ALA B 114 0.17 -18.37 -1.03
N THR B 115 0.82 -19.29 -1.78
CA THR B 115 2.09 -19.07 -2.46
C THR B 115 1.80 -18.64 -3.88
N LEU B 116 2.51 -17.63 -4.40
CA LEU B 116 2.26 -17.12 -5.75
C LEU B 116 3.50 -17.28 -6.64
N PHE B 117 3.20 -17.42 -7.94
CA PHE B 117 4.22 -17.49 -8.96
C PHE B 117 3.90 -16.40 -9.98
N PHE B 118 4.92 -15.67 -10.44
CA PHE B 118 4.79 -14.75 -11.56
C PHE B 118 5.93 -14.94 -12.57
N GLU B 119 5.59 -14.72 -13.83
CA GLU B 119 6.58 -14.35 -14.82
C GLU B 119 6.46 -12.85 -15.11
N ILE B 120 7.60 -12.18 -15.20
CA ILE B 120 7.60 -10.73 -15.34
C ILE B 120 8.60 -10.34 -16.42
N GLU B 121 8.13 -9.46 -17.30
CA GLU B 121 8.99 -8.73 -18.21
C GLU B 121 9.05 -7.27 -17.79
N LEU B 122 10.27 -6.73 -17.72
CA LEU B 122 10.46 -5.32 -17.49
C LEU B 122 10.71 -4.59 -18.79
N LEU B 123 9.78 -3.70 -19.14
CA LEU B 123 9.79 -3.07 -20.43
C LEU B 123 10.59 -1.80 -20.33
N ASP B 124 10.35 -1.06 -19.27
CA ASP B 124 10.98 0.25 -19.12
C ASP B 124 10.81 0.72 -17.68
N PHE B 125 11.55 1.77 -17.32
CA PHE B 125 11.29 2.54 -16.12
C PHE B 125 11.87 3.93 -16.29
N LYS B 126 11.22 4.92 -15.69
CA LYS B 126 11.52 6.34 -15.86
C LYS B 126 11.46 6.98 -14.47
N GLY B 127 12.19 8.08 -14.29
CA GLY B 127 12.28 8.74 -13.00
C GLY B 127 11.01 9.52 -12.70
N GLU B 128 10.55 9.49 -11.44
CA GLU B 128 9.45 10.33 -11.00
C GLU B 128 9.68 11.72 -11.63
C4 A1IOA C . 0.91 2.85 10.35
C14 A1IOA C . 3.84 6.17 8.66
C5 A1IOA C . 1.86 2.93 11.36
C6 A1IOA C . 3.15 2.47 11.17
C11 A1IOA C . 5.30 4.95 12.20
C7 A1IOA C . 3.49 1.88 9.97
C8 A1IOA C . 5.66 2.33 9.14
C9 A1IOA C . 4.02 3.11 13.35
C10 A1IOA C . 4.11 4.59 13.08
C12 A1IOA C . 5.58 6.67 10.40
C13 A1IOA C . 4.99 5.92 9.27
N1 A1IOA C . -0.64 5.37 9.40
C3 A1IOA C . 1.25 2.24 9.16
C1 A1IOA C . 2.01 0.64 6.95
O1 A1IOA C . 2.98 1.17 7.83
C2 A1IOA C . 2.53 1.77 8.97
O2 A1IOA C . 4.77 1.40 9.78
O3 A1IOA C . 4.19 2.47 12.07
O4 A1IOA C . 5.03 6.25 11.68
C15 A1IOA C . 3.40 5.29 7.51
C16 A1IOA C . 2.28 5.79 6.71
O5 A1IOA C . 1.12 5.58 7.56
C17 A1IOA C . 0.07 6.30 7.22
O6 A1IOA C . 0.06 7.04 6.31
C18 A1IOA C . -1.05 6.16 8.21
C19 A1IOA C . -1.48 7.58 8.58
C20 A1IOA C . -0.51 8.31 9.48
C21 A1IOA C . -0.32 7.48 10.72
C22 A1IOA C . 0.23 6.06 10.36
C23 A1IOA C . -1.06 4.10 9.52
O7 A1IOA C . -1.80 3.58 8.69
C24 A1IOA C . -0.52 3.27 10.63
C25 A1IOA C . -1.43 2.03 10.81
C26 A1IOA C . -2.82 2.41 11.34
C27 A1IOA C . -3.72 1.19 11.63
C28 A1IOA C . -3.09 0.21 12.57
C29 A1IOA C . -1.72 -0.20 12.00
C30 A1IOA C . -0.78 0.99 11.73
H18 A1IOA C . 3.30 6.91 8.94
H5 A1IOA C . 1.62 3.31 12.19
H13 A1IOA C . 5.39 4.31 11.47
H14 A1IOA C . 6.12 4.97 12.73
H7 A1IOA C . 6.41 1.84 8.77
H8 A1IOA C . 5.96 2.98 9.79
H6 A1IOA C . 5.19 2.78 8.42
H10 A1IOA C . 3.15 2.88 13.74
H9 A1IOA C . 4.73 2.82 13.97
H11 A1IOA C . 4.20 5.06 13.94
H12 A1IOA C . 3.29 4.90 12.64
H16 A1IOA C . 5.41 7.63 10.28
H15 A1IOA C . 6.56 6.53 10.43
H17 A1IOA C . 5.50 5.17 8.96
H4 A1IOA C . 0.60 2.15 8.48
H2 A1IOA C . 2.44 0.08 6.30
H3 A1IOA C . 1.55 1.37 6.50
H1 A1IOA C . 1.36 0.12 7.46
H20 A1IOA C . 4.16 5.15 6.90
H19 A1IOA C . 3.14 4.41 7.86
H22 A1IOA C . 2.40 6.74 6.53
H21 A1IOA C . 2.19 5.29 5.88
H23 A1IOA C . -1.81 5.70 7.76
H25 A1IOA C . -1.60 8.11 7.74
H24 A1IOA C . -2.37 7.55 9.02
H26 A1IOA C . -0.86 9.20 9.72
H27 A1IOA C . 0.36 8.44 9.03
H28 A1IOA C . -1.19 7.39 11.18
H29 A1IOA C . 0.30 7.92 11.33
H30 A1IOA C . 0.32 5.53 11.19
H31 A1IOA C . 1.13 6.15 9.97
H32 A1IOA C . -0.53 3.81 11.47
H33 A1IOA C . -1.55 1.60 9.92
H35 A1IOA C . -2.71 2.92 12.17
H34 A1IOA C . -3.26 2.98 10.68
H36 A1IOA C . -3.94 0.74 10.79
H37 A1IOA C . -4.58 1.50 12.02
H38 A1IOA C . -3.67 -0.58 12.67
H39 A1IOA C . -2.97 0.62 13.46
H40 A1IOA C . -1.87 -0.68 11.15
H41 A1IOA C . -1.29 -0.82 12.62
H43 A1IOA C . -0.54 1.42 12.58
H42 A1IOA C . 0.05 0.66 11.32
C4 A1IOA D . -3.91 -9.69 -8.71
C14 A1IOA D . -3.23 -4.77 -8.03
C5 A1IOA D . -4.62 -9.12 -9.77
C6 A1IOA D . -5.76 -8.35 -9.54
C11 A1IOA D . -5.24 -5.55 -11.73
C7 A1IOA D . -6.24 -8.22 -8.25
C8 A1IOA D . -7.22 -6.04 -7.99
C9 A1IOA D . -6.30 -7.82 -11.82
C10 A1IOA D . -5.11 -6.98 -12.19
C12 A1IOA D . -4.03 -4.12 -10.27
C13 A1IOA D . -2.98 -4.30 -9.23
N1 A1IOA D . -0.80 -8.93 -8.45
C3 A1IOA D . -4.38 -9.49 -7.43
C1 A1IOA D . -5.33 -8.67 -4.84
O1 A1IOA D . -6.13 -8.56 -6.01
C2 A1IOA D . -5.55 -8.78 -7.21
O2 A1IOA D . -7.38 -7.46 -7.97
O3 A1IOA D . -6.56 -7.68 -10.43
O4 A1IOA D . -4.21 -5.42 -10.77
C15 A1IOA D . -2.31 -4.82 -6.92
C16 A1IOA D . -2.38 -6.14 -6.20
O5 A1IOA D . -1.68 -7.07 -7.05
C17 A1IOA D . -0.40 -7.22 -6.79
O6 A1IOA D . 0.19 -6.53 -6.03
C18 A1IOA D . 0.21 -8.40 -7.53
C19 A1IOA D . 1.45 -7.96 -8.32
C20 A1IOA D . 1.13 -6.98 -9.43
C21 A1IOA D . 0.18 -7.62 -10.35
C22 A1IOA D . -1.09 -8.09 -9.63
C23 A1IOA D . -1.52 -10.01 -8.08
O7 A1IOA D . -1.31 -10.52 -7.03
C24 A1IOA D . -2.66 -10.54 -8.90
C25 A1IOA D . -2.95 -12.01 -8.49
C26 A1IOA D . -1.76 -12.93 -8.82
C27 A1IOA D . -2.05 -14.44 -8.77
C28 A1IOA D . -3.36 -14.85 -9.38
C29 A1IOA D . -4.48 -13.98 -8.84
C30 A1IOA D . -4.22 -12.53 -9.16
H18 A1IOA D . -4.11 -5.09 -7.86
H5 A1IOA D . -4.28 -9.21 -10.65
H13 A1IOA D . -6.12 -5.38 -11.31
H14 A1IOA D . -5.10 -4.93 -12.48
H7 A1IOA D . -8.08 -5.62 -7.80
H8 A1IOA D . -6.91 -5.75 -8.87
H6 A1IOA D . -6.57 -5.78 -7.32
H10 A1IOA D . -6.12 -8.76 -12.02
H9 A1IOA D . -7.08 -7.54 -12.33
H11 A1IOA D . -5.02 -6.99 -13.16
H12 A1IOA D . -4.30 -7.37 -11.81
H16 A1IOA D . -3.73 -3.49 -10.98
H15 A1IOA D . -4.87 -3.76 -9.87
H17 A1IOA D . -2.09 -4.08 -9.45
H4 A1IOA D . -3.94 -9.94 -6.70
H2 A1IOA D . -5.83 -8.35 -4.08
H3 A1IOA D . -4.53 -8.13 -4.95
H1 A1IOA D . -5.08 -9.60 -4.70
H20 A1IOA D . -1.40 -4.69 -7.25
H19 A1IOA D . -2.51 -4.10 -6.28
H22 A1IOA D . -1.95 -6.07 -5.32
H21 A1IOA D . -3.31 -6.41 -6.09
H23 A1IOA D . 0.45 -9.10 -6.88
H25 A1IOA D . 2.09 -7.53 -7.69
H24 A1IOA D . 1.88 -8.75 -8.70
H26 A1IOA D . 1.95 -6.73 -9.91
H27 A1IOA D . 0.73 -6.15 -9.06
H28 A1IOA D . 0.61 -8.39 -10.78
H29 A1IOA D . -0.07 -6.98 -11.06
H30 A1IOA D . -1.64 -8.59 -10.27
H31 A1IOA D . -1.60 -7.30 -9.34
H32 A1IOA D . -2.42 -10.52 -9.87
H33 A1IOA D . -3.10 -12.03 -7.50
H35 A1IOA D . -1.43 -12.69 -9.71
H34 A1IOA D . -1.03 -12.74 -8.19
H36 A1IOA D . -2.04 -14.73 -7.84
H37 A1IOA D . -1.33 -14.90 -9.25
H38 A1IOA D . -3.53 -15.79 -9.16
H39 A1IOA D . -3.31 -14.76 -10.35
H40 A1IOA D . -4.54 -14.10 -7.86
H41 A1IOA D . -5.33 -14.27 -9.24
H43 A1IOA D . -4.14 -12.41 -10.13
H42 A1IOA D . -4.98 -11.99 -8.86
#